data_1L1V
#
_entry.id   1L1V
#
_cell.length_a   1.000
_cell.length_b   1.000
_cell.length_c   1.000
_cell.angle_alpha   90.00
_cell.angle_beta   90.00
_cell.angle_gamma   90.00
#
_symmetry.space_group_name_H-M   'P 1'
#
loop_
_entity.id
_entity.type
_entity.pdbx_description
1 polymer "5'-D(*GP*TP*CP*AP*CP*CP*GP*AP*C)-3'"
2 polymer 'ACTINOMYCIN D'
#
loop_
_entity_poly.entity_id
_entity_poly.type
_entity_poly.pdbx_seq_one_letter_code
_entity_poly.pdbx_strand_id
1 'polydeoxyribonucleotide' (DG)(DT)(DC)(DA)(DC)(DC)(DG)(DA)(DC) A
2 'polypeptide(L)' T(DVA)P(SAR)(MVA)(PXZ)T(DVA)P(SAR)(MVA) B
#
loop_
_chem_comp.id
_chem_comp.type
_chem_comp.name
_chem_comp.formula
DA DNA linking 2'-DEOXYADENOSINE-5'-MONOPHOSPHATE 'C10 H14 N5 O6 P'
DC DNA linking 2'-DEOXYCYTIDINE-5'-MONOPHOSPHATE 'C9 H14 N3 O7 P'
DG DNA linking 2'-DEOXYGUANOSINE-5'-MONOPHOSPHATE 'C10 H14 N5 O7 P'
DT DNA linking THYMIDINE-5'-MONOPHOSPHATE 'C10 H15 N2 O8 P'
PXZ non-polymer 2-AMINO-1,9-DICARBONYL-4,6-DIMETHYL-10-DEHYDRO-PHENOXAZIN-3-ONE 'C16 H12 N2 O6'
#
# COMPACT_ATOMS: atom_id res chain seq x y z
N THR B 1 2.53 -1.15 0.12
CA THR B 1 1.67 -0.68 -1.00
C THR B 1 0.19 -1.14 -0.93
N DVA B 2 -0.75 -0.32 -1.43
CA DVA B 2 -2.15 -0.72 -1.68
CB DVA B 2 -2.70 0.12 -2.86
CG1 DVA B 2 -4.13 -0.28 -3.24
CG2 DVA B 2 -1.82 -0.03 -4.12
C DVA B 2 -3.07 -0.61 -0.42
O DVA B 2 -3.34 0.52 0.00
H DVA B 2 -0.46 0.60 -1.72
HA DVA B 2 -2.15 -1.75 -2.04
HB DVA B 2 -2.70 1.17 -2.57
HG11 DVA B 2 -4.81 -0.16 -2.39
HG12 DVA B 2 -4.49 0.36 -4.05
HG13 DVA B 2 -4.16 -1.32 -3.57
HG21 DVA B 2 -1.75 -1.09 -4.40
HG22 DVA B 2 -2.25 0.53 -4.94
HG23 DVA B 2 -0.81 0.35 -3.93
N PRO B 3 -3.57 -1.72 0.19
CA PRO B 3 -3.29 -3.13 -0.11
C PRO B 3 -3.78 -3.61 -1.49
N SAR B 4 -3.05 -4.47 -2.24
CA SAR B 4 -1.74 -5.07 -1.87
C SAR B 4 -0.52 -4.52 -2.66
O SAR B 4 -0.64 -3.49 -3.33
CN SAR B 4 -3.53 -4.84 -3.57
HA2 SAR B 4 -1.81 -6.13 -2.09
HA3 SAR B 4 -1.52 -5.00 -0.81
HN1 SAR B 4 -2.85 -5.54 -4.08
HN2 SAR B 4 -3.63 -3.95 -4.19
HN3 SAR B 4 -4.51 -5.33 -3.50
N MVA B 5 0.65 -5.21 -2.63
CN MVA B 5 0.78 -6.47 -1.88
CA MVA B 5 1.87 -4.78 -3.38
CB MVA B 5 1.99 -5.59 -4.70
CG1 MVA B 5 0.90 -5.27 -5.73
CG2 MVA B 5 3.38 -5.46 -5.34
C MVA B 5 2.12 -3.25 -3.49
O MVA B 5 2.21 -2.69 -4.59
HN1 MVA B 5 1.83 -6.78 -1.78
HN2 MVA B 5 0.26 -7.27 -2.39
HN3 MVA B 5 0.39 -6.37 -0.87
HA MVA B 5 2.74 -5.08 -2.78
HB MVA B 5 1.88 -6.65 -4.43
HG11 MVA B 5 0.97 -4.23 -6.06
HG12 MVA B 5 -0.09 -5.44 -5.31
HG13 MVA B 5 1.02 -5.92 -6.61
HG21 MVA B 5 4.16 -5.70 -4.60
HG22 MVA B 5 3.48 -6.15 -6.17
HG23 MVA B 5 3.55 -4.44 -5.71
C1 PXZ B 6 4.31 -1.04 1.68
C0 PXZ B 6 3.46 -0.41 0.76
O1 PXZ B 6 3.64 0.76 0.43
C2 PXZ B 6 5.71 -0.91 1.58
N2 PXZ B 6 6.25 -0.10 0.66
C3 PXZ B 6 6.56 -1.69 2.37
O3 PXZ B 6 7.97 -1.56 2.23
C4 PXZ B 6 6.03 -2.57 3.35
O5 PXZ B 6 4.11 -3.44 4.49
C6 PXZ B 6 2.21 -4.33 5.66
C7 PXZ B 6 0.80 -4.44 5.78
C8 PXZ B 6 -0.04 -3.75 4.89
C9 PXZ B 6 0.50 -2.85 3.94
C0' PXZ B 6 -0.34 -2.04 3.17
O1' PXZ B 6 -1.27 -2.55 2.56
N10 PXZ B 6 2.43 -1.97 2.81
C11 PXZ B 6 3.77 -1.87 2.68
C12 PXZ B 6 4.62 -2.63 3.53
C13 PXZ B 6 2.76 -3.50 4.65
C14 PXZ B 6 1.89 -2.76 3.79
C15 PXZ B 6 6.96 -3.43 4.19
C16 PXZ B 6 3.11 -5.09 6.62
HN21 PXZ B 6 7.26 -0.06 0.53
HN22 PXZ B 6 5.67 0.59 0.20
H7 PXZ B 6 0.37 -5.05 6.56
H8 PXZ B 6 -1.11 -3.86 5.00
H151 PXZ B 6 6.76 -4.48 4.02
H152 PXZ B 6 6.80 -3.20 5.25
H153 PXZ B 6 8.01 -3.22 3.96
H161 PXZ B 6 2.53 -5.70 7.31
H162 PXZ B 6 3.70 -4.38 7.20
H163 PXZ B 6 3.78 -5.74 6.06
N THR B 7 -0.18 -0.71 3.18
CA THR B 7 -1.05 0.34 2.60
C THR B 7 -0.29 1.39 1.77
N DVA B 8 -0.97 1.95 0.76
CA DVA B 8 -0.61 3.21 0.09
CB DVA B 8 -1.89 3.83 -0.51
CG1 DVA B 8 -1.62 5.18 -1.19
CG2 DVA B 8 -2.97 4.06 0.57
C DVA B 8 0.50 3.03 -0.99
O DVA B 8 0.25 2.38 -2.00
H DVA B 8 -1.89 1.57 0.56
HA DVA B 8 -0.28 3.90 0.85
HB DVA B 8 -2.30 3.15 -1.25
HG11 DVA B 8 -0.88 5.08 -1.97
HG12 DVA B 8 -2.54 5.56 -1.63
HG13 DVA B 8 -1.27 5.90 -0.45
HG21 DVA B 8 -2.56 4.69 1.37
HG22 DVA B 8 -3.84 4.56 0.14
HG23 DVA B 8 -3.29 3.12 1.02
N PRO B 9 1.72 3.61 -0.81
CA PRO B 9 2.24 4.22 0.41
C PRO B 9 1.66 5.61 0.77
N SAR B 10 1.60 6.01 2.07
CA SAR B 10 1.98 5.21 3.26
C SAR B 10 0.78 4.59 4.02
O SAR B 10 -0.33 4.61 3.47
CN SAR B 10 1.11 7.37 2.38
HA2 SAR B 10 2.51 5.86 3.97
HA3 SAR B 10 2.69 4.41 3.03
HN1 SAR B 10 1.81 8.10 1.98
HN2 SAR B 10 1.03 7.52 3.46
HN3 SAR B 10 0.13 7.52 1.93
N MVA B 11 0.96 4.05 5.25
CN MVA B 11 2.29 3.99 5.88
CA MVA B 11 -0.16 3.48 6.08
CB MVA B 11 -0.75 4.53 7.07
CG1 MVA B 11 -1.53 3.83 8.19
CG2 MVA B 11 0.30 5.45 7.73
C MVA B 11 -1.29 2.75 5.30
O MVA B 11 -2.41 3.26 5.22
HN1 MVA B 11 3.04 3.59 5.20
HN2 MVA B 11 2.31 3.36 6.77
HN3 MVA B 11 2.62 4.99 6.18
HA MVA B 11 0.25 2.69 6.70
HB MVA B 11 -1.43 5.19 6.52
HG11 MVA B 11 -0.87 3.16 8.75
HG12 MVA B 11 -2.35 3.24 7.79
HG13 MVA B 11 -1.95 4.55 8.88
HG21 MVA B 11 0.76 6.10 6.99
HG22 MVA B 11 1.06 4.85 8.20
HG23 MVA B 11 -0.17 6.08 8.49
N THR B 1 4.18 -0.73 -1.06
CA THR B 1 3.18 -0.75 -2.12
C THR B 1 1.93 -1.52 -1.68
N DVA B 2 0.86 -1.39 -2.48
CA DVA B 2 -0.23 -2.35 -2.59
CB DVA B 2 -1.12 -1.96 -3.78
CG1 DVA B 2 -2.28 -2.96 -3.98
CG2 DVA B 2 -0.32 -1.92 -5.09
C DVA B 2 -1.03 -2.41 -1.27
O DVA B 2 -1.72 -1.44 -0.95
H DVA B 2 0.90 -0.67 -3.18
HA DVA B 2 0.20 -3.32 -2.82
HB DVA B 2 -1.55 -0.98 -3.61
HG11 DVA B 2 -2.89 -3.02 -3.08
HG12 DVA B 2 -2.91 -2.64 -4.80
HG13 DVA B 2 -1.87 -3.94 -4.21
HG21 DVA B 2 0.18 -2.88 -5.25
HG22 DVA B 2 -0.99 -1.72 -5.93
HG23 DVA B 2 0.43 -1.13 -5.06
N PRO B 3 -0.98 -3.53 -0.52
CA PRO B 3 -0.13 -4.69 -0.73
C PRO B 3 -0.67 -5.59 -1.86
N SAR B 4 0.20 -6.40 -2.50
CA SAR B 4 1.61 -6.57 -2.13
C SAR B 4 2.53 -5.63 -2.94
O SAR B 4 2.02 -4.89 -3.78
CN SAR B 4 -0.28 -7.20 -3.62
HA2 SAR B 4 1.90 -7.60 -2.34
HA3 SAR B 4 1.75 -6.42 -1.07
HN1 SAR B 4 -0.85 -6.59 -4.31
HN2 SAR B 4 -0.89 -8.02 -3.25
HN3 SAR B 4 0.56 -7.64 -4.18
N MVA B 5 3.85 -5.71 -2.72
CN MVA B 5 4.41 -6.61 -1.70
CA MVA B 5 4.87 -5.02 -3.55
CB MVA B 5 5.35 -5.97 -4.67
CG1 MVA B 5 4.29 -6.35 -5.71
CG2 MVA B 5 6.63 -5.48 -5.35
C MVA B 5 4.45 -3.60 -3.98
O MVA B 5 4.27 -3.36 -5.19
HN1 MVA B 5 3.97 -6.41 -0.72
HN2 MVA B 5 5.48 -6.51 -1.60
HN3 MVA B 5 4.19 -7.65 -1.97
HA MVA B 5 5.74 -4.83 -2.92
HB MVA B 5 5.62 -6.92 -4.18
HG11 MVA B 5 4.71 -7.09 -6.39
HG12 MVA B 5 3.99 -5.48 -6.31
HG13 MVA B 5 3.41 -6.78 -5.23
HG21 MVA B 5 7.44 -5.46 -4.62
HG22 MVA B 5 6.91 -6.17 -6.14
HG23 MVA B 5 6.49 -4.49 -5.78
C1 PXZ B 6 5.98 0.23 0.17
C0 PXZ B 6 4.91 0.36 -0.73
O1 PXZ B 6 4.69 1.46 -1.25
C2 PXZ B 6 7.24 0.79 -0.11
N2 PXZ B 6 7.41 1.68 -1.11
C3 PXZ B 6 8.37 0.40 0.63
O3 PXZ B 6 9.67 0.87 0.25
C4 PXZ B 6 8.23 -0.43 1.75
O5 PXZ B 6 6.79 -1.46 3.34
C6 PXZ B 6 5.39 -2.48 4.99
C7 PXZ B 6 4.13 -2.96 5.36
C8 PXZ B 6 3.03 -2.76 4.51
C9 PXZ B 6 3.14 -2.00 3.34
C0' PXZ B 6 1.98 -1.72 2.59
O1' PXZ B 6 1.15 -2.62 2.46
N10 PXZ B 6 4.60 -0.90 1.78
C11 PXZ B 6 5.81 -0.51 1.37
C12 PXZ B 6 6.94 -0.81 2.18
C13 PXZ B 6 5.55 -1.81 3.75
C14 PXZ B 6 4.42 -1.56 2.94
C15 PXZ B 6 9.46 -0.89 2.51
C16 PXZ B 6 6.58 -2.65 5.92
HN21 PXZ B 6 8.33 2.04 -1.33
HN22 PXZ B 6 6.62 1.96 -1.67
H7 PXZ B 6 4.00 -3.48 6.29
H8 PXZ B 6 2.07 -3.17 4.80
H151 PXZ B 6 9.37 -1.94 2.79
H152 PXZ B 6 9.56 -0.30 3.42
H153 PXZ B 6 10.35 -0.77 1.91
H161 PXZ B 6 6.99 -1.68 6.17
H162 PXZ B 6 7.35 -3.24 5.42
H163 PXZ B 6 6.28 -3.16 6.83
N THR B 7 1.76 -0.49 2.09
CA THR B 7 0.54 -0.12 1.38
C THR B 7 0.82 0.83 0.22
N DVA B 8 -0.20 1.00 -0.64
CA DVA B 8 -0.37 2.15 -1.52
CB DVA B 8 -1.77 2.09 -2.16
CG1 DVA B 8 -2.02 3.29 -3.07
CG2 DVA B 8 -2.87 2.07 -1.09
C DVA B 8 0.75 2.19 -2.58
O DVA B 8 0.76 1.35 -3.46
H DVA B 8 -0.98 0.37 -0.56
HA DVA B 8 -0.35 3.04 -0.90
HB DVA B 8 -1.85 1.18 -2.76
HG11 DVA B 8 -1.28 3.34 -3.86
HG12 DVA B 8 -3.01 3.21 -3.52
HG13 DVA B 8 -1.98 4.22 -2.49
HG21 DVA B 8 -2.77 2.94 -0.43
HG22 DVA B 8 -3.85 2.10 -1.57
HG23 DVA B 8 -2.82 1.17 -0.48
N PRO B 9 1.68 3.16 -2.52
CA PRO B 9 1.80 4.20 -1.49
C PRO B 9 0.77 5.31 -1.70
N SAR B 10 0.39 6.06 -0.64
CA SAR B 10 0.98 5.95 0.71
C SAR B 10 0.17 5.02 1.62
O SAR B 10 -0.93 4.62 1.26
CN SAR B 10 -0.63 7.09 -0.80
HA2 SAR B 10 0.99 6.94 1.16
HA3 SAR B 10 2.01 5.62 0.64
HN1 SAR B 10 -0.99 7.45 0.17
HN2 SAR B 10 -1.48 6.68 -1.34
HN3 SAR B 10 -0.21 7.92 -1.36
N MVA B 11 0.71 4.70 2.83
CN MVA B 11 2.02 5.21 3.22
CA MVA B 11 -0.03 3.95 3.86
CB MVA B 11 -1.02 4.88 4.62
CG1 MVA B 11 -1.46 4.24 5.93
CG2 MVA B 11 -0.41 6.25 4.96
C MVA B 11 -0.70 2.68 3.31
O MVA B 11 -1.92 2.63 3.22
HN1 MVA B 11 2.04 6.30 3.14
HN2 MVA B 11 2.78 4.80 2.59
HN3 MVA B 11 2.25 4.96 4.25
HA MVA B 11 0.69 3.59 4.60
HB MVA B 11 -1.90 5.06 3.99
HG11 MVA B 11 -2.20 4.87 6.42
HG12 MVA B 11 -0.61 4.11 6.58
HG13 MVA B 11 -1.93 3.26 5.74
HG21 MVA B 11 -0.21 6.82 4.06
HG22 MVA B 11 0.51 6.12 5.53
HG23 MVA B 11 -1.13 6.82 5.56
N THR B 1 2.41 -1.37 -0.05
CA THR B 1 1.60 -0.93 -1.18
C THR B 1 0.13 -1.31 -1.01
N DVA B 2 -0.74 -0.68 -1.80
CA DVA B 2 -2.05 -1.18 -2.16
CB DVA B 2 -2.60 -0.33 -3.33
CG1 DVA B 2 -3.97 -0.83 -3.81
CG2 DVA B 2 -1.64 -0.36 -4.53
C DVA B 2 -3.00 -1.16 -0.95
O DVA B 2 -3.36 -0.08 -0.50
H DVA B 2 -0.39 0.12 -2.31
HA DVA B 2 -1.92 -2.19 -2.54
HB DVA B 2 -2.70 0.71 -3.00
HG11 DVA B 2 -4.70 -0.81 -2.99
HG12 DVA B 2 -4.34 -0.19 -4.60
HG13 DVA B 2 -3.87 -1.85 -4.19
HG21 DVA B 2 -1.46 -1.39 -4.84
HG22 DVA B 2 -2.09 0.18 -5.37
HG23 DVA B 2 -0.70 0.11 -4.30
N PRO B 3 -3.43 -2.33 -0.43
CA PRO B 3 -3.02 -3.69 -0.79
C PRO B 3 -3.66 -4.14 -2.12
N SAR B 4 -3.04 -5.08 -2.84
CA SAR B 4 -1.82 -5.77 -2.43
C SAR B 4 -0.55 -5.09 -2.97
O SAR B 4 -0.68 -4.11 -3.72
CN SAR B 4 -3.59 -5.48 -4.13
HA2 SAR B 4 -1.85 -6.79 -2.82
HA3 SAR B 4 -1.77 -5.87 -1.34
HN1 SAR B 4 -3.84 -4.59 -4.72
HN2 SAR B 4 -4.50 -6.07 -3.97
HN3 SAR B 4 -2.87 -6.08 -4.71
N MVA B 5 0.65 -5.62 -2.65
CN MVA B 5 0.74 -6.78 -1.75
CA MVA B 5 1.92 -5.20 -3.27
CB MVA B 5 2.19 -6.07 -4.52
CG1 MVA B 5 1.16 -5.96 -5.65
CG2 MVA B 5 3.61 -5.87 -5.06
C MVA B 5 2.04 -3.68 -3.47
O MVA B 5 2.07 -3.21 -4.60
HN1 MVA B 5 1.77 -7.08 -1.59
HN2 MVA B 5 0.22 -7.63 -2.21
HN3 MVA B 5 0.30 -6.56 -0.79
HA MVA B 5 2.72 -5.43 -2.57
HB MVA B 5 2.16 -7.11 -4.19
HG11 MVA B 5 1.11 -4.94 -6.04
HG12 MVA B 5 0.18 -6.27 -5.30
HG13 MVA B 5 1.45 -6.62 -6.47
HG21 MVA B 5 3.72 -4.87 -5.50
HG22 MVA B 5 4.32 -5.99 -4.24
HG23 MVA B 5 3.82 -6.60 -5.83
C1 PXZ B 6 4.21 -1.23 1.50
C0 PXZ B 6 3.35 -0.63 0.54
O1 PXZ B 6 3.52 0.55 0.24
C2 PXZ B 6 5.61 -1.07 1.39
N2 PXZ B 6 6.15 -0.21 0.52
C3 PXZ B 6 6.47 -1.84 2.19
O3 PXZ B 6 7.88 -1.74 2.02
C4 PXZ B 6 5.94 -2.70 3.18
O5 PXZ B 6 4.06 -3.44 4.44
C6 PXZ B 6 2.22 -4.22 5.72
C7 PXZ B 6 0.83 -4.35 5.87
C8 PXZ B 6 -0.04 -3.72 4.98
C9 PXZ B 6 0.45 -2.86 3.99
C0' PXZ B 6 -0.47 -2.11 3.21
O1' PXZ B 6 -1.50 -2.67 2.85
N10 PXZ B 6 2.36 -2.07 2.77
C11 PXZ B 6 3.69 -2.01 2.54
C12 PXZ B 6 4.55 -2.73 3.39
C13 PXZ B 6 2.73 -3.47 4.64
C14 PXZ B 6 1.84 -2.77 3.78
C15 PXZ B 6 6.88 -3.58 3.99
C16 PXZ B 6 3.16 -4.85 6.73
HN21 PXZ B 6 7.15 -0.12 0.42
HN22 PXZ B 6 5.56 0.39 -0.05
H7 PXZ B 6 0.42 -4.96 6.68
H8 PXZ B 6 -1.12 -3.84 5.11
H151 PXZ B 6 6.93 -3.21 5.00
H152 PXZ B 6 7.87 -3.57 3.55
H153 PXZ B 6 6.51 -4.61 3.99
H161 PXZ B 6 3.70 -4.07 7.26
H162 PXZ B 6 3.88 -5.49 6.22
H163 PXZ B 6 2.61 -5.44 7.45
N THR B 7 -0.24 -0.82 2.92
CA THR B 7 -1.16 -0.01 2.13
C THR B 7 -0.40 0.97 1.25
N DVA B 8 -1.13 1.64 0.34
CA DVA B 8 -0.77 2.90 -0.28
CB DVA B 8 -1.98 3.47 -1.03
CG1 DVA B 8 -1.66 4.84 -1.65
CG2 DVA B 8 -3.19 3.65 -0.11
C DVA B 8 0.45 2.73 -1.20
O DVA B 8 0.31 2.08 -2.24
H DVA B 8 -2.08 1.31 0.19
HA DVA B 8 -0.55 3.61 0.52
HB DVA B 8 -2.26 2.80 -1.84
HG11 DVA B 8 -0.83 4.77 -2.35
HG12 DVA B 8 -2.53 5.21 -2.19
HG13 DVA B 8 -1.40 5.55 -0.85
HG21 DVA B 8 -2.93 4.29 0.75
HG22 DVA B 8 -4.01 4.12 -0.65
HG23 DVA B 8 -3.55 2.69 0.28
N PRO B 9 1.63 3.29 -0.87
CA PRO B 9 1.94 4.00 0.36
C PRO B 9 1.41 5.44 0.35
N SAR B 10 1.13 6.06 1.51
CA SAR B 10 1.28 5.47 2.84
C SAR B 10 -0.04 4.86 3.35
O SAR B 10 -1.06 5.00 2.68
CN SAR B 10 0.59 7.42 1.48
HA2 SAR B 10 1.58 6.25 3.54
HA3 SAR B 10 2.08 4.73 2.86
HN1 SAR B 10 -0.28 7.46 0.81
HN2 SAR B 10 1.36 8.10 1.13
HN3 SAR B 10 0.25 7.74 2.47
N MVA B 11 -0.05 4.22 4.55
CN MVA B 11 1.17 4.10 5.33
CA MVA B 11 -1.29 3.76 5.17
CB MVA B 11 -2.14 4.94 5.69
CG1 MVA B 11 -3.24 4.46 6.65
CG2 MVA B 11 -1.27 5.97 6.44
C MVA B 11 -2.05 2.81 4.22
O MVA B 11 -3.18 3.12 3.86
HN1 MVA B 11 0.99 3.62 6.30
HN2 MVA B 11 1.58 5.08 5.52
HN3 MVA B 11 1.91 3.50 4.79
HA MVA B 11 -1.05 3.14 6.04
HB MVA B 11 -2.61 5.45 4.85
HG11 MVA B 11 -3.87 3.71 6.19
HG12 MVA B 11 -3.86 5.31 6.94
HG13 MVA B 11 -2.78 4.04 7.55
HG21 MVA B 11 -0.58 6.46 5.77
HG22 MVA B 11 -0.73 5.48 7.25
HG23 MVA B 11 -1.92 6.73 6.88
N THR B 1 2.39 -1.37 -0.05
CA THR B 1 1.58 -0.92 -1.18
C THR B 1 0.11 -1.30 -0.99
N DVA B 2 -0.76 -0.66 -1.78
CA DVA B 2 -2.09 -1.14 -2.13
CB DVA B 2 -2.63 -0.29 -3.30
CG1 DVA B 2 -4.01 -0.78 -3.75
CG2 DVA B 2 -1.69 -0.34 -4.51
C DVA B 2 -3.02 -1.10 -0.91
O DVA B 2 -3.37 -0.02 -0.46
H DVA B 2 -0.41 0.15 -2.30
HA DVA B 2 -1.97 -2.14 -2.51
HB DVA B 2 -2.73 0.75 -2.98
HG11 DVA B 2 -4.73 -0.75 -2.94
HG12 DVA B 2 -4.38 -0.13 -4.55
HG13 DVA B 2 -3.93 -1.80 -4.13
HG21 DVA B 2 -1.52 -1.37 -4.81
HG22 DVA B 2 -2.14 0.20 -5.35
HG23 DVA B 2 -0.73 0.13 -4.28
N PRO B 3 -3.46 -2.26 -0.38
CA PRO B 3 -3.07 -3.62 -0.74
C PRO B 3 -3.72 -4.08 -2.06
N SAR B 4 -3.12 -5.03 -2.78
CA SAR B 4 -1.90 -5.74 -2.38
C SAR B 4 -0.63 -5.07 -2.93
O SAR B 4 -0.75 -4.10 -3.69
CN SAR B 4 -3.70 -5.43 -4.07
HA2 SAR B 4 -1.95 -6.76 -2.77
HA3 SAR B 4 -1.84 -5.82 -1.29
HN1 SAR B 4 -3.93 -4.55 -4.66
HN2 SAR B 4 -4.60 -6.01 -3.90
HN3 SAR B 4 -2.99 -6.04 -4.64
N MVA B 5 0.56 -5.61 -2.61
CN MVA B 5 0.65 -6.77 -1.72
CA MVA B 5 1.83 -5.21 -3.26
CB MVA B 5 2.08 -6.09 -4.50
CG1 MVA B 5 1.04 -5.97 -5.62
CG2 MVA B 5 3.50 -5.90 -5.06
C MVA B 5 1.97 -3.69 -3.46
O MVA B 5 2.00 -3.22 -4.59
HN1 MVA B 5 1.67 -7.08 -1.56
HN2 MVA B 5 0.12 -7.62 -2.17
HN3 MVA B 5 0.21 -6.53 -0.75
HA MVA B 5 2.63 -5.44 -2.56
HB MVA B 5 2.04 -7.13 -4.16
HG11 MVA B 5 1.00 -4.95 -6.01
HG12 MVA B 5 0.06 -6.26 -5.27
HG13 MVA B 5 1.32 -6.63 -6.44
HG21 MVA B 5 3.62 -4.91 -5.50
HG22 MVA B 5 4.22 -6.02 -4.25
HG23 MVA B 5 3.70 -6.65 -5.82
C1 PXZ B 6 4.20 -1.24 1.46
C0 PXZ B 6 3.35 -0.64 0.53
O1 PXZ B 6 3.53 0.54 0.22
C2 PXZ B 6 5.60 -1.10 1.36
N2 PXZ B 6 6.15 -0.24 0.48
C3 PXZ B 6 6.46 -1.87 2.16
O3 PXZ B 6 7.87 -1.79 1.97
C4 PXZ B 6 5.94 -2.73 3.14
O5 PXZ B 6 4.06 -3.44 4.42
C6 PXZ B 6 2.21 -4.19 5.73
C7 PXZ B 6 0.83 -4.31 5.90
C8 PXZ B 6 -0.05 -3.67 5.00
C9 PXZ B 6 0.44 -2.81 4.01
C0' PXZ B 6 -0.47 -2.07 3.23
O1' PXZ B 6 -1.51 -2.61 2.89
N10 PXZ B 6 2.36 -2.05 2.77
C11 PXZ B 6 3.68 -2.02 2.53
C12 PXZ B 6 4.55 -2.73 3.37
C13 PXZ B 6 2.73 -3.46 4.65
C14 PXZ B 6 1.84 -2.76 3.79
C15 PXZ B 6 6.87 -3.61 3.94
C16 PXZ B 6 3.16 -4.83 6.73
HN21 PXZ B 6 7.15 -0.18 0.38
HN22 PXZ B 6 5.55 0.35 -0.08
H7 PXZ B 6 0.42 -4.91 6.71
H8 PXZ B 6 -1.12 -3.78 5.14
H151 PXZ B 6 6.93 -3.24 4.97
H152 PXZ B 6 7.87 -3.62 3.51
H153 PXZ B 6 6.49 -4.63 3.97
H161 PXZ B 6 3.72 -4.05 7.26
H162 PXZ B 6 3.87 -5.48 6.22
H163 PXZ B 6 2.61 -5.41 7.47
N THR B 7 -0.22 -0.78 2.94
CA THR B 7 -1.14 0.04 2.16
C THR B 7 -0.38 1.01 1.26
N DVA B 8 -1.12 1.67 0.36
CA DVA B 8 -0.74 2.94 -0.27
CB DVA B 8 -1.96 3.52 -1.02
CG1 DVA B 8 -1.63 4.88 -1.64
CG2 DVA B 8 -3.15 3.72 -0.08
C DVA B 8 0.46 2.75 -1.21
O DVA B 8 0.31 2.10 -2.25
H DVA B 8 -2.07 1.37 0.22
HA DVA B 8 -0.51 3.64 0.53
HB DVA B 8 -2.25 2.83 -1.82
HG11 DVA B 8 -0.80 4.79 -2.35
HG12 DVA B 8 -2.49 5.26 -2.19
HG13 DVA B 8 -1.35 5.59 -0.87
HG21 DVA B 8 -2.87 4.34 0.76
HG22 DVA B 8 -3.97 4.19 -0.62
HG23 DVA B 8 -3.52 2.75 0.30
N PRO B 9 1.65 3.29 -0.88
CA PRO B 9 1.99 4.01 0.34
C PRO B 9 1.46 5.45 0.32
N SAR B 10 1.20 6.09 1.48
CA SAR B 10 1.36 5.49 2.82
C SAR B 10 0.04 4.90 3.34
O SAR B 10 -0.98 5.04 2.66
CN SAR B 10 0.68 7.45 1.46
HA2 SAR B 10 1.68 6.28 3.50
HA3 SAR B 10 2.15 4.74 2.82
HN1 SAR B 10 -0.18 7.50 0.79
HN2 SAR B 10 1.45 8.12 1.09
HN3 SAR B 10 0.37 7.77 2.44
N MVA B 11 0.03 4.27 4.53
CN MVA B 11 1.26 4.13 5.32
CA MVA B 11 -1.20 3.82 5.17
CB MVA B 11 -2.03 5.02 5.69
CG1 MVA B 11 -3.13 4.56 6.67
CG2 MVA B 11 -1.15 6.04 6.43
C MVA B 11 -1.98 2.88 4.24
O MVA B 11 -3.12 3.20 3.88
HN1 MVA B 11 1.08 3.66 6.28
HN2 MVA B 11 1.68 5.13 5.49
HN3 MVA B 11 1.98 3.53 4.78
HA MVA B 11 -0.97 3.21 6.05
HB MVA B 11 -2.50 5.53 4.85
HG11 MVA B 11 -3.78 3.82 6.22
HG12 MVA B 11 -3.74 5.42 6.96
HG13 MVA B 11 -2.67 4.14 7.57
HG21 MVA B 11 -0.46 6.52 5.76
HG22 MVA B 11 -0.60 5.54 7.24
HG23 MVA B 11 -1.79 6.81 6.88
N THR B 1 2.42 -1.30 0.11
CA THR B 1 1.62 -0.78 -1.01
C THR B 1 0.14 -1.09 -0.84
N DVA B 2 -0.68 -0.39 -1.64
CA DVA B 2 -2.03 -0.79 -2.02
CB DVA B 2 -2.53 0.14 -3.15
CG1 DVA B 2 -3.92 -0.27 -3.63
CG2 DVA B 2 -1.58 0.11 -4.35
C DVA B 2 -2.97 -0.79 -0.81
O DVA B 2 -3.27 0.30 -0.30
H DVA B 2 -0.28 0.40 -2.13
HA DVA B 2 -1.95 -1.79 -2.45
HB DVA B 2 -2.57 1.16 -2.77
HG11 DVA B 2 -4.64 -0.25 -2.82
HG12 DVA B 2 -4.26 0.43 -4.40
HG13 DVA B 2 -3.88 -1.27 -4.07
HG21 DVA B 2 -1.46 -0.92 -4.70
HG22 DVA B 2 -2.00 0.71 -5.16
HG23 DVA B 2 -0.60 0.52 -4.10
N PRO B 3 -3.46 -1.95 -0.33
CA PRO B 3 -3.12 -3.30 -0.76
C PRO B 3 -3.80 -3.66 -2.09
N SAR B 4 -3.25 -4.61 -2.86
CA SAR B 4 -2.08 -5.42 -2.48
C SAR B 4 -0.77 -4.79 -2.99
O SAR B 4 -0.82 -3.78 -3.69
CN SAR B 4 -3.83 -4.92 -4.17
HA2 SAR B 4 -2.18 -6.40 -2.93
HA3 SAR B 4 -2.05 -5.55 -1.40
HN1 SAR B 4 -4.03 -4.00 -4.72
HN2 SAR B 4 -4.78 -5.46 -4.03
HN3 SAR B 4 -3.16 -5.53 -4.77
N MVA B 5 0.39 -5.41 -2.65
CN MVA B 5 0.39 -6.61 -1.82
CA MVA B 5 1.70 -5.03 -3.21
CB MVA B 5 2.01 -5.88 -4.47
CG1 MVA B 5 1.02 -5.71 -5.63
CG2 MVA B 5 3.44 -5.68 -4.95
C MVA B 5 1.92 -3.51 -3.36
O MVA B 5 1.95 -3.00 -4.48
HN1 MVA B 5 -0.18 -7.40 -2.31
HN2 MVA B 5 -0.05 -6.40 -0.85
HN3 MVA B 5 1.39 -6.99 -1.65
HA MVA B 5 2.45 -5.31 -2.47
HB MVA B 5 1.94 -6.92 -4.15
HG11 MVA B 5 1.01 -4.70 -6.00
HG12 MVA B 5 0.01 -5.99 -5.32
HG13 MVA B 5 1.31 -6.37 -6.44
HG21 MVA B 5 3.69 -6.41 -5.71
HG22 MVA B 5 3.59 -4.68 -5.37
HG23 MVA B 5 4.13 -5.81 -4.11
C1 PXZ B 6 4.24 -1.28 1.65
C0 PXZ B 6 3.42 -0.63 0.69
O1 PXZ B 6 3.66 0.54 0.38
C2 PXZ B 6 5.65 -1.13 1.60
N2 PXZ B 6 6.24 -0.24 0.78
C3 PXZ B 6 6.47 -1.94 2.39
O3 PXZ B 6 7.89 -1.86 2.27
C4 PXZ B 6 5.90 -2.83 3.32
O5 PXZ B 6 3.97 -3.57 4.51
C6 PXZ B 6 2.08 -4.32 5.75
C7 PXZ B 6 0.69 -4.40 5.89
C8 PXZ B 6 -0.16 -3.69 5.01
C9 PXZ B 6 0.40 -2.81 4.06
C0' PXZ B 6 -0.47 -2.00 3.31
O1' PXZ B 6 -1.54 -2.48 2.94
N10 PXZ B 6 2.35 -2.07 2.88
C11 PXZ B 6 3.67 -2.07 2.67
C12 PXZ B 6 4.50 -2.84 3.51
C13 PXZ B 6 2.64 -3.56 4.70
C14 PXZ B 6 1.79 -2.79 3.86
C15 PXZ B 6 6.80 -3.77 4.12
C16 PXZ B 6 2.99 -5.04 6.73
HN21 PXZ B 6 7.24 -0.15 0.75
HN22 PXZ B 6 5.67 0.37 0.21
H7 PXZ B 6 0.25 -5.02 6.66
H8 PXZ B 6 -1.23 -3.78 5.12
H151 PXZ B 6 6.38 -4.77 4.14
H152 PXZ B 6 6.90 -3.39 5.14
H153 PXZ B 6 7.79 -3.83 3.66
H161 PXZ B 6 3.59 -5.79 6.20
H162 PXZ B 6 2.40 -5.56 7.49
H163 PXZ B 6 3.64 -4.33 7.22
N THR B 7 -0.17 -0.70 3.07
CA THR B 7 -1.05 0.18 2.30
C THR B 7 -0.23 1.17 1.46
N DVA B 8 -0.91 1.87 0.56
CA DVA B 8 -0.48 3.14 0.00
CB DVA B 8 -1.66 3.80 -0.74
CG1 DVA B 8 -1.27 5.18 -1.29
CG2 DVA B 8 -2.87 3.99 0.18
C DVA B 8 0.73 2.94 -0.93
O DVA B 8 0.56 2.34 -1.99
H DVA B 8 -1.87 1.60 0.38
HA DVA B 8 -0.23 3.80 0.82
HB DVA B 8 -1.96 3.17 -1.57
HG11 DVA B 8 -0.44 5.10 -2.00
HG12 DVA B 8 -2.12 5.62 -1.82
HG13 DVA B 8 -0.99 5.85 -0.48
HG21 DVA B 8 -2.59 4.57 1.06
HG22 DVA B 8 -3.66 4.52 -0.34
HG23 DVA B 8 -3.27 3.03 0.52
N PRO B 9 1.93 3.45 -0.58
CA PRO B 9 2.28 4.09 0.68
C PRO B 9 1.80 5.55 0.72
N SAR B 10 1.54 6.14 1.90
CA SAR B 10 1.62 5.49 3.22
C SAR B 10 0.26 4.96 3.68
O SAR B 10 -0.74 5.17 2.99
CN SAR B 10 1.07 7.53 1.92
HA2 SAR B 10 1.97 6.23 3.93
HA3 SAR B 10 2.37 4.70 3.21
HN1 SAR B 10 1.88 8.18 1.60
HN2 SAR B 10 0.74 7.82 2.92
HN3 SAR B 10 0.22 7.64 1.24
N MVA B 11 0.18 4.29 4.85
CN MVA B 11 1.38 4.07 5.67
CA MVA B 11 -1.10 3.85 5.43
CB MVA B 11 -1.90 5.06 5.97
CG1 MVA B 11 -3.04 4.61 6.88
CG2 MVA B 11 -1.02 6.02 6.78
C MVA B 11 -1.87 2.98 4.43
O MVA B 11 -2.97 3.35 4.04
HN1 MVA B 11 1.14 3.59 6.62
HN2 MVA B 11 1.84 5.03 5.88
HN3 MVA B 11 2.07 3.42 5.13
HA MVA B 11 -0.90 3.21 6.29
HB MVA B 11 -2.32 5.62 5.13
HG11 MVA B 11 -2.64 4.12 7.77
HG12 MVA B 11 -3.70 3.91 6.37
HG13 MVA B 11 -3.64 5.47 7.19
HG21 MVA B 11 -0.28 6.51 6.15
HG22 MVA B 11 -0.51 5.47 7.58
HG23 MVA B 11 -1.64 6.80 7.23
N THR B 1 2.53 -1.35 -0.03
CA THR B 1 1.75 -0.81 -1.15
C THR B 1 0.27 -1.14 -1.01
N DVA B 2 -0.56 -0.43 -1.79
CA DVA B 2 -1.89 -0.85 -2.20
CB DVA B 2 -2.39 0.08 -3.31
CG1 DVA B 2 -3.78 -0.33 -3.82
CG2 DVA B 2 -1.43 0.09 -4.51
C DVA B 2 -2.84 -0.87 -0.99
O DVA B 2 -3.15 0.19 -0.47
H DVA B 2 -0.17 0.37 -2.27
HA DVA B 2 -1.80 -1.84 -2.64
HB DVA B 2 -2.46 1.10 -2.93
HG11 DVA B 2 -4.50 -0.33 -3.01
HG12 DVA B 2 -4.11 0.38 -4.58
HG13 DVA B 2 -3.73 -1.32 -4.26
HG21 DVA B 2 -1.28 -0.93 -4.88
HG22 DVA B 2 -1.84 0.70 -5.32
HG23 DVA B 2 -0.46 0.50 -4.24
N PRO B 3 -3.33 -2.04 -0.55
CA PRO B 3 -2.98 -3.39 -0.99
C PRO B 3 -3.63 -3.73 -2.33
N SAR B 4 -3.06 -4.68 -3.11
CA SAR B 4 -1.89 -5.46 -2.73
C SAR B 4 -0.58 -4.82 -3.20
O SAR B 4 -0.63 -3.81 -3.89
CN SAR B 4 -3.63 -4.97 -4.42
HA2 SAR B 4 -1.97 -6.45 -3.19
HA3 SAR B 4 -1.87 -5.62 -1.65
HN1 SAR B 4 -3.83 -4.04 -4.96
HN2 SAR B 4 -4.56 -5.52 -4.30
HN3 SAR B 4 -2.94 -5.56 -5.03
N MVA B 5 0.58 -5.42 -2.87
CN MVA B 5 0.59 -6.65 -2.06
CA MVA B 5 1.90 -5.03 -3.41
CB MVA B 5 2.22 -5.85 -4.67
CG1 MVA B 5 1.25 -5.68 -5.85
CG2 MVA B 5 3.67 -5.63 -5.14
C MVA B 5 2.10 -3.50 -3.53
O MVA B 5 2.14 -2.98 -4.65
HN1 MVA B 5 0.04 -7.43 -2.57
HN2 MVA B 5 0.13 -6.46 -1.09
HN3 MVA B 5 1.59 -7.02 -1.89
HA MVA B 5 2.65 -5.31 -2.67
HB MVA B 5 2.17 -6.91 -4.38
HG11 MVA B 5 1.23 -4.65 -6.20
HG12 MVA B 5 0.25 -5.98 -5.55
HG13 MVA B 5 1.56 -6.33 -6.67
HG21 MVA B 5 3.92 -6.36 -5.91
HG22 MVA B 5 3.81 -4.63 -5.54
HG23 MVA B 5 4.34 -5.77 -4.30
C1 PXZ B 6 4.34 -1.31 1.52
C0 PXZ B 6 3.52 -0.66 0.58
O1 PXZ B 6 3.76 0.50 0.28
C2 PXZ B 6 5.75 -1.16 1.50
N2 PXZ B 6 6.34 -0.26 0.70
C3 PXZ B 6 6.57 -1.98 2.28
O3 PXZ B 6 7.99 -1.87 2.19
C4 PXZ B 6 6.00 -2.89 3.20
O5 PXZ B 6 4.07 -3.66 4.35
C6 PXZ B 6 2.18 -4.45 5.56
C7 PXZ B 6 0.77 -4.55 5.68
C8 PXZ B 6 -0.06 -3.84 4.81
C9 PXZ B 6 0.49 -2.93 3.88
C0' PXZ B 6 -0.38 -2.11 3.14
O1' PXZ B 6 -1.44 -2.60 2.74
N10 PXZ B 6 2.44 -2.16 2.73
C11 PXZ B 6 3.77 -2.14 2.53
C12 PXZ B 6 4.60 -2.91 3.37
C13 PXZ B 6 2.73 -3.67 4.53
C14 PXZ B 6 1.89 -2.89 3.70
C15 PXZ B 6 6.90 -3.82 3.99
C16 PXZ B 6 3.08 -5.18 6.54
HN21 PXZ B 6 7.34 -0.15 0.68
HN22 PXZ B 6 5.76 0.36 0.14
H7 PXZ B 6 0.33 -5.18 6.44
H8 PXZ B 6 -1.13 -3.93 4.91
H151 PXZ B 6 6.49 -4.83 4.00
H152 PXZ B 6 6.99 -3.46 5.01
H153 PXZ B 6 7.90 -3.86 3.55
H161 PXZ B 6 3.70 -5.90 6.01
H162 PXZ B 6 2.48 -5.71 7.29
H163 PXZ B 6 3.73 -4.47 7.05
N THR B 7 -0.09 -0.82 2.91
CA THR B 7 -0.96 0.07 2.15
C THR B 7 -0.15 1.07 1.33
N DVA B 8 -0.83 1.79 0.44
CA DVA B 8 -0.41 3.07 -0.11
CB DVA B 8 -1.59 3.73 -0.84
CG1 DVA B 8 -1.21 5.11 -1.38
CG2 DVA B 8 -2.82 3.89 0.07
C DVA B 8 0.81 2.90 -1.02
O DVA B 8 0.67 2.32 -2.10
H DVA B 8 -1.78 1.51 0.25
HA DVA B 8 -0.17 3.72 0.73
HB DVA B 8 -1.88 3.11 -1.69
HG11 DVA B 8 -0.37 5.05 -2.07
HG12 DVA B 8 -2.06 5.55 -1.90
HG13 DVA B 8 -0.94 5.77 -0.55
HG21 DVA B 8 -2.55 4.47 0.96
HG22 DVA B 8 -3.60 4.41 -0.46
HG23 DVA B 8 -3.20 2.92 0.38
N PRO B 9 2.00 3.41 -0.65
CA PRO B 9 2.33 4.04 0.62
C PRO B 9 1.84 5.50 0.67
N SAR B 10 1.55 6.06 1.86
CA SAR B 10 1.63 5.39 3.17
C SAR B 10 0.27 4.84 3.61
O SAR B 10 -0.72 5.05 2.91
CN SAR B 10 1.07 7.45 1.90
HA2 SAR B 10 1.96 6.13 3.90
HA3 SAR B 10 2.39 4.61 3.16
HN1 SAR B 10 1.88 8.11 1.60
HN2 SAR B 10 0.73 7.72 2.89
HN3 SAR B 10 0.23 7.57 1.21
N MVA B 11 0.19 4.15 4.77
CN MVA B 11 1.38 3.93 5.61
CA MVA B 11 -1.09 3.69 5.33
CB MVA B 11 -1.91 4.88 5.88
CG1 MVA B 11 -3.06 4.40 6.77
CG2 MVA B 11 -1.05 5.84 6.71
C MVA B 11 -1.83 2.83 4.32
O MVA B 11 -2.94 3.19 3.91
HN1 MVA B 11 1.14 3.44 6.55
HN2 MVA B 11 1.84 4.89 5.83
HN3 MVA B 11 2.09 3.30 5.07
HA MVA B 11 -0.90 3.03 6.17
HB MVA B 11 -2.33 5.45 5.04
HG11 MVA B 11 -2.66 3.91 7.66
HG12 MVA B 11 -3.71 3.70 6.25
HG13 MVA B 11 -3.66 5.25 7.08
HG21 MVA B 11 -0.31 6.34 6.09
HG22 MVA B 11 -0.55 5.29 7.51
HG23 MVA B 11 -1.68 6.61 7.16
#